data_5IFD
#
_entry.id   5IFD
#
_cell.length_a   69.030
_cell.length_b   69.030
_cell.length_c   397.390
_cell.angle_alpha   90.000
_cell.angle_beta   90.000
_cell.angle_gamma   120.000
#
_symmetry.space_group_name_H-M   'P 65 2 2'
#
loop_
_entity.id
_entity.type
_entity.pdbx_description
1 polymer 'Polymerase acidic protein'
2 non-polymer 1-(4-fluorophenyl)-1H-imidazole
3 non-polymer 'DIMETHYL SULFOXIDE'
4 water water
#
_entity_poly.entity_id   1
_entity_poly.type   'polypeptide(L)'
_entity_poly.pdbx_seq_one_letter_code
;GNARIEPFLKSTPRPLRLPDGPPCSQRSKFLLMDALKLSIEDPSHEGEGIPLYDAIKCMRTFFGWKEPNVVKPHEKGINP
NYLLSWKQVLAELQDIENEEKIPRTKNMKKTSQLKWALGENMAPEKVDFDDCKDVGDLKQYDSDEPELRSLASWIQNEFN
KACELTDSSWIELDEIGEDAAPIEHIASMRRNYFTAEVSHCRATEYIMKGVYINTALLNASCAAMDDFQLIPMISKCRTK
EGRRKTNLYGFIIKGRSHLRNDTDVVNFVSMEFSLTDPRLEPHKWEKYCVLEVGDMLLRSAIGHVSRPMFLYVRTNGTSK
IKMKWGMEMRRCLLQSLQQIESMIEAESSVKEKDMTKEFFENKSETWPVGESPKGVEEGSIGKVCRTLLAKSVFNSLYAS
PQLEGFSAESRKLLLIVQALRDNLEPGTFDLGGLYEAIEECLINDPWVLLNASWFNSFLTHALR
;
_entity_poly.pdbx_strand_id   A
#
loop_
_chem_comp.id
_chem_comp.type
_chem_comp.name
_chem_comp.formula
6AQ non-polymer 1-(4-fluorophenyl)-1H-imidazole 'C9 H7 F N2'
DMS non-polymer 'DIMETHYL SULFOXIDE' 'C2 H6 O S'
#
# COMPACT_ATOMS: atom_id res chain seq x y z
N ARG A 14 23.54 -22.08 11.86
CA ARG A 14 23.25 -22.13 10.43
C ARG A 14 22.24 -21.07 9.99
N PRO A 15 22.67 -20.06 9.23
CA PRO A 15 21.72 -19.13 8.63
C PRO A 15 21.00 -19.80 7.46
N LEU A 16 19.76 -19.36 7.22
CA LEU A 16 19.01 -19.84 6.06
C LEU A 16 19.68 -19.41 4.76
N ARG A 17 19.53 -20.23 3.73
CA ARG A 17 20.05 -19.92 2.40
C ARG A 17 18.95 -19.25 1.59
N LEU A 18 19.15 -17.96 1.25
CA LEU A 18 18.24 -17.27 0.35
C LEU A 18 18.54 -17.68 -1.10
N PRO A 19 17.56 -17.61 -1.99
CA PRO A 19 17.80 -18.05 -3.37
C PRO A 19 18.68 -17.08 -4.14
N ASP A 20 19.30 -17.61 -5.18
CA ASP A 20 20.08 -16.81 -6.11
C ASP A 20 19.27 -16.57 -7.38
N GLY A 21 19.57 -15.45 -8.02
CA GLY A 21 18.94 -15.12 -9.28
C GLY A 21 18.81 -13.62 -9.47
N PRO A 22 18.11 -13.22 -10.52
CA PRO A 22 17.86 -11.80 -10.74
C PRO A 22 17.14 -11.21 -9.54
N PRO A 23 17.26 -9.90 -9.32
CA PRO A 23 16.59 -9.29 -8.15
C PRO A 23 15.08 -9.40 -8.26
N CYS A 24 14.43 -9.51 -7.10
CA CYS A 24 12.97 -9.59 -7.06
C CYS A 24 12.36 -8.24 -7.46
N SER A 25 11.09 -8.29 -7.87
CA SER A 25 10.42 -7.15 -8.47
C SER A 25 9.16 -6.78 -7.71
N GLN A 26 8.70 -5.55 -7.92
CA GLN A 26 7.53 -5.04 -7.21
C GLN A 26 6.26 -5.80 -7.61
N ARG A 27 5.45 -6.16 -6.60
CA ARG A 27 4.26 -6.95 -6.86
C ARG A 27 3.03 -6.52 -6.05
N SER A 28 3.04 -5.33 -5.46
CA SER A 28 1.87 -4.82 -4.77
C SER A 28 0.78 -4.38 -5.76
N LYS A 29 -0.44 -4.22 -5.25
CA LYS A 29 -1.54 -3.80 -6.11
C LYS A 29 -1.48 -2.32 -6.48
N PHE A 30 -0.75 -1.51 -5.74
CA PHE A 30 -0.57 -0.11 -6.11
C PHE A 30 0.83 0.30 -5.65
N LEU A 31 1.30 1.45 -6.13
CA LEU A 31 2.60 1.95 -5.71
C LEU A 31 2.59 2.30 -4.22
N LEU A 32 3.74 2.10 -3.57
CA LEU A 32 3.93 2.41 -2.17
C LEU A 32 4.79 3.65 -2.08
N MET A 33 6.08 3.53 -1.74
CA MET A 33 6.93 4.72 -1.61
C MET A 33 6.99 5.58 -2.89
N ASP A 34 6.69 5.03 -4.05
CA ASP A 34 6.89 5.74 -5.30
C ASP A 34 5.66 6.50 -5.76
N ALA A 35 4.56 6.43 -5.02
CA ALA A 35 3.35 7.07 -5.47
C ALA A 35 3.52 8.59 -5.45
N LEU A 36 2.62 9.26 -6.16
CA LEU A 36 2.61 10.70 -6.28
C LEU A 36 1.16 11.15 -6.32
N LYS A 37 0.83 12.17 -5.55
CA LYS A 37 -0.54 12.64 -5.39
C LYS A 37 -0.74 13.98 -6.08
N LEU A 38 -1.77 14.07 -6.92
CA LEU A 38 -2.37 15.36 -7.27
C LEU A 38 -3.47 15.65 -6.25
N SER A 39 -3.46 16.85 -5.67
CA SER A 39 -4.33 17.12 -4.52
C SER A 39 -5.08 18.43 -4.65
N ILE A 40 -6.28 18.44 -4.07
CA ILE A 40 -7.07 19.66 -3.91
C ILE A 40 -7.32 19.87 -2.42
N GLU A 41 -7.07 21.09 -1.95
CA GLU A 41 -7.32 21.42 -0.57
C GLU A 41 -8.78 21.79 -0.41
N ASP A 42 -9.25 21.76 0.85
CA ASP A 42 -10.61 22.03 1.32
C ASP A 42 -11.66 21.91 0.21
N PRO A 43 -11.79 20.75 -0.44
CA PRO A 43 -12.57 20.67 -1.68
C PRO A 43 -13.99 21.19 -1.50
N SER A 44 -14.50 21.89 -2.53
CA SER A 44 -15.87 22.41 -2.49
C SER A 44 -16.42 22.76 -3.88
N HIS A 45 -16.35 21.82 -4.83
CA HIS A 45 -16.94 21.96 -6.15
C HIS A 45 -18.27 21.24 -6.20
N GLU A 46 -19.09 21.60 -7.19
CA GLU A 46 -20.40 20.96 -7.37
C GLU A 46 -20.22 19.45 -7.53
N GLY A 47 -20.47 18.71 -6.47
CA GLY A 47 -20.20 17.29 -6.43
C GLY A 47 -18.96 16.87 -5.68
N GLU A 48 -18.60 17.56 -4.59
CA GLU A 48 -17.46 17.18 -3.77
C GLU A 48 -17.81 15.91 -3.00
N GLY A 49 -17.08 14.83 -3.27
CA GLY A 49 -17.36 13.54 -2.69
C GLY A 49 -17.68 12.45 -3.68
N ILE A 50 -17.89 12.78 -4.96
CA ILE A 50 -18.02 11.80 -6.02
C ILE A 50 -16.64 11.56 -6.63
N PRO A 51 -16.15 10.32 -6.66
CA PRO A 51 -14.77 10.08 -7.12
C PRO A 51 -14.42 10.73 -8.46
N LEU A 52 -15.31 10.66 -9.43
CA LEU A 52 -14.96 11.18 -10.76
C LEU A 52 -14.81 12.70 -10.73
N TYR A 53 -15.70 13.39 -10.00
CA TYR A 53 -15.59 14.84 -9.88
C TYR A 53 -14.29 15.23 -9.18
N ASP A 54 -13.98 14.55 -8.07
CA ASP A 54 -12.71 14.80 -7.39
C ASP A 54 -11.55 14.57 -8.34
N ALA A 55 -11.53 13.43 -9.03
CA ALA A 55 -10.41 13.12 -9.91
C ALA A 55 -10.22 14.21 -10.95
N ILE A 56 -11.31 14.71 -11.54
CA ILE A 56 -11.18 15.74 -12.56
C ILE A 56 -10.61 17.01 -11.95
N LYS A 57 -11.20 17.47 -10.85
CA LYS A 57 -10.66 18.66 -10.16
C LYS A 57 -9.18 18.46 -9.82
N CYS A 58 -8.78 17.26 -9.39
CA CYS A 58 -7.36 17.00 -9.17
C CYS A 58 -6.56 17.08 -10.47
N MET A 59 -7.08 16.49 -11.55
CA MET A 59 -6.38 16.58 -12.83
C MET A 59 -6.25 18.04 -13.29
N ARG A 60 -7.28 18.86 -13.05
CA ARG A 60 -7.22 20.27 -13.46
C ARG A 60 -6.20 21.09 -12.66
N THR A 61 -5.63 20.56 -11.58
CA THR A 61 -4.63 21.34 -10.84
C THR A 61 -3.24 21.25 -11.46
N PHE A 62 -3.02 20.39 -12.46
CA PHE A 62 -1.71 20.15 -13.05
C PHE A 62 -1.70 20.62 -14.49
N PHE A 63 -0.73 21.46 -14.83
CA PHE A 63 -0.64 22.04 -16.17
C PHE A 63 0.60 21.58 -16.93
N GLY A 64 1.36 20.64 -16.39
CA GLY A 64 2.59 20.19 -16.99
C GLY A 64 2.52 18.95 -17.85
N TRP A 65 1.32 18.47 -18.19
CA TRP A 65 1.18 17.33 -19.10
C TRP A 65 1.93 17.59 -20.39
N LYS A 66 2.34 16.51 -21.05
CA LYS A 66 3.00 16.60 -22.34
C LYS A 66 2.77 15.29 -23.07
N GLU A 67 3.14 15.28 -24.35
CA GLU A 67 2.95 14.08 -25.18
C GLU A 67 3.63 12.90 -24.53
N PRO A 68 2.90 11.88 -24.10
CA PRO A 68 3.53 10.78 -23.36
C PRO A 68 4.31 9.87 -24.29
N ASN A 69 5.37 9.27 -23.74
CA ASN A 69 6.10 8.22 -24.43
C ASN A 69 6.62 7.20 -23.41
N VAL A 70 6.87 5.99 -23.90
CA VAL A 70 7.48 4.91 -23.11
C VAL A 70 8.91 5.27 -22.75
N VAL A 71 9.23 5.25 -21.46
CA VAL A 71 10.63 5.39 -21.04
C VAL A 71 11.19 4.11 -20.44
N LYS A 72 10.34 3.22 -19.93
CA LYS A 72 10.79 1.89 -19.54
C LYS A 72 9.78 0.87 -20.02
N PRO A 73 10.11 0.10 -21.04
CA PRO A 73 9.11 -0.80 -21.65
C PRO A 73 8.89 -2.05 -20.82
N HIS A 74 7.66 -2.51 -20.83
CA HIS A 74 7.36 -3.82 -20.29
C HIS A 74 7.92 -4.87 -21.24
N GLU A 75 8.74 -5.79 -20.72
CA GLU A 75 9.46 -6.70 -21.62
C GLU A 75 8.59 -7.82 -22.18
N LYS A 76 7.39 -8.04 -21.62
CA LYS A 76 6.52 -9.15 -22.03
C LYS A 76 5.12 -8.71 -22.43
N GLY A 77 4.87 -7.40 -22.59
CA GLY A 77 3.57 -6.91 -23.01
C GLY A 77 3.68 -6.05 -24.27
N ILE A 78 2.52 -5.54 -24.68
CA ILE A 78 2.39 -4.71 -25.88
C ILE A 78 2.43 -3.25 -25.45
N ASN A 79 3.63 -2.65 -25.49
CA ASN A 79 3.79 -1.28 -25.02
C ASN A 79 2.98 -0.24 -25.79
N PRO A 80 2.81 -0.30 -27.11
CA PRO A 80 1.87 0.63 -27.75
C PRO A 80 0.49 0.64 -27.13
N ASN A 81 0.00 -0.52 -26.65
CA ASN A 81 -1.33 -0.56 -26.07
C ASN A 81 -1.38 0.13 -24.72
N TYR A 82 -0.30 0.07 -23.93
CA TYR A 82 -0.31 0.79 -22.68
C TYR A 82 -0.30 2.29 -22.94
N LEU A 83 0.52 2.74 -23.89
CA LEU A 83 0.51 4.15 -24.28
C LEU A 83 -0.89 4.57 -24.73
N LEU A 84 -1.50 3.80 -25.64
CA LEU A 84 -2.82 4.17 -26.15
C LEU A 84 -3.85 4.24 -25.04
N SER A 85 -3.70 3.41 -24.00
CA SER A 85 -4.70 3.36 -22.94
C SER A 85 -4.64 4.62 -22.08
N TRP A 86 -3.43 5.11 -21.80
CA TRP A 86 -3.30 6.36 -21.07
C TRP A 86 -3.82 7.53 -21.89
N LYS A 87 -3.44 7.61 -23.16
CA LYS A 87 -3.98 8.66 -24.01
C LYS A 87 -5.50 8.56 -24.10
N GLN A 88 -6.04 7.34 -24.04
CA GLN A 88 -7.50 7.21 -24.05
C GLN A 88 -8.10 7.76 -22.77
N VAL A 89 -7.48 7.50 -21.62
CA VAL A 89 -7.98 8.03 -20.36
C VAL A 89 -8.08 9.56 -20.41
N LEU A 90 -7.01 10.21 -20.88
CA LEU A 90 -7.01 11.67 -21.02
C LEU A 90 -8.08 12.14 -22.00
N ALA A 91 -8.23 11.43 -23.12
CA ALA A 91 -9.19 11.82 -24.14
C ALA A 91 -10.62 11.70 -23.62
N GLU A 92 -10.90 10.66 -22.85
CA GLU A 92 -12.26 10.49 -22.35
C GLU A 92 -12.55 11.41 -21.17
N LEU A 93 -11.52 11.82 -20.41
CA LEU A 93 -11.70 12.86 -19.41
C LEU A 93 -11.88 14.22 -20.06
N GLN A 94 -11.20 14.47 -21.18
CA GLN A 94 -11.45 15.70 -21.91
C GLN A 94 -12.89 15.74 -22.45
N ASP A 95 -13.48 14.58 -22.77
CA ASP A 95 -14.86 14.53 -23.23
C ASP A 95 -15.83 14.99 -22.14
N ILE A 96 -15.63 14.49 -20.91
CA ILE A 96 -16.48 14.89 -19.80
C ILE A 96 -16.42 16.40 -19.59
N GLU A 97 -15.29 17.04 -19.89
CA GLU A 97 -15.21 18.49 -19.80
C GLU A 97 -16.21 19.17 -20.73
N ASN A 98 -16.58 18.52 -21.83
CA ASN A 98 -17.46 19.11 -22.82
C ASN A 98 -18.94 18.78 -22.60
N GLU A 99 -19.24 17.68 -21.91
CA GLU A 99 -20.61 17.38 -21.51
C GLU A 99 -21.07 18.35 -20.44
N GLU A 100 -22.25 18.95 -20.62
CA GLU A 100 -22.77 19.91 -19.66
C GLU A 100 -22.82 19.31 -18.26
N LYS A 101 -23.66 18.30 -18.07
CA LYS A 101 -23.69 17.56 -16.81
C LYS A 101 -22.52 16.57 -16.81
N ILE A 102 -21.70 16.64 -15.77
CA ILE A 102 -20.66 15.61 -15.56
C ILE A 102 -21.34 14.34 -15.06
N PRO A 103 -21.07 13.17 -15.66
CA PRO A 103 -21.74 11.95 -15.18
C PRO A 103 -21.14 11.51 -13.85
N ARG A 104 -21.86 10.61 -13.20
CA ARG A 104 -21.41 10.08 -11.92
C ARG A 104 -20.30 9.06 -12.10
N THR A 105 -20.39 8.22 -13.13
CA THR A 105 -19.30 7.32 -13.49
C THR A 105 -19.02 7.41 -14.99
N LYS A 106 -17.90 6.81 -15.38
CA LYS A 106 -17.35 6.91 -16.73
C LYS A 106 -16.98 5.50 -17.16
N ASN A 107 -17.65 4.99 -18.19
CA ASN A 107 -17.35 3.67 -18.74
C ASN A 107 -16.55 3.86 -20.02
N MET A 108 -15.33 3.32 -20.04
CA MET A 108 -14.47 3.50 -21.20
C MET A 108 -14.97 2.71 -22.40
N LYS A 109 -14.76 3.29 -23.57
CA LYS A 109 -14.93 2.56 -24.83
C LYS A 109 -14.11 1.28 -24.80
N LYS A 110 -14.68 0.22 -25.36
CA LYS A 110 -13.99 -1.06 -25.42
C LYS A 110 -13.08 -1.08 -26.65
N THR A 111 -11.99 -0.32 -26.57
CA THR A 111 -10.98 -0.23 -27.60
C THR A 111 -10.14 -1.50 -27.66
N SER A 112 -9.38 -1.64 -28.76
CA SER A 112 -8.49 -2.80 -28.90
C SER A 112 -7.41 -2.81 -27.82
N GLN A 113 -6.83 -1.64 -27.49
CA GLN A 113 -5.82 -1.60 -26.43
C GLN A 113 -6.41 -2.01 -25.08
N LEU A 114 -7.63 -1.57 -24.77
CA LEU A 114 -8.21 -1.97 -23.49
C LEU A 114 -8.63 -3.43 -23.49
N LYS A 115 -9.22 -3.92 -24.58
CA LYS A 115 -9.52 -5.34 -24.68
C LYS A 115 -8.27 -6.18 -24.49
N TRP A 116 -7.16 -5.78 -25.13
CA TRP A 116 -5.94 -6.57 -24.99
C TRP A 116 -5.45 -6.53 -23.54
N ALA A 117 -5.40 -5.34 -22.95
CA ALA A 117 -4.82 -5.17 -21.62
C ALA A 117 -5.66 -5.84 -20.53
N LEU A 118 -6.96 -6.01 -20.77
CA LEU A 118 -7.85 -6.62 -19.79
C LEU A 118 -8.13 -8.10 -20.06
N GLY A 119 -7.43 -8.70 -21.02
CA GLY A 119 -7.54 -10.12 -21.28
C GLY A 119 -8.84 -10.57 -21.93
N GLU A 120 -9.41 -9.77 -22.83
CA GLU A 120 -10.70 -10.11 -23.47
C GLU A 120 -10.56 -10.84 -24.81
N GLU A 147 10.49 -19.46 -10.72
CA GLU A 147 11.68 -18.70 -11.08
C GLU A 147 12.31 -18.06 -9.84
N LEU A 148 13.53 -18.46 -9.52
CA LEU A 148 14.20 -17.93 -8.34
C LEU A 148 14.59 -16.47 -8.51
N ARG A 149 14.35 -15.69 -7.44
CA ARG A 149 14.68 -14.27 -7.36
C ARG A 149 15.44 -14.00 -6.08
N SER A 150 16.54 -13.25 -6.19
CA SER A 150 17.29 -12.84 -5.00
C SER A 150 16.66 -11.59 -4.38
N LEU A 151 17.07 -11.31 -3.14
CA LEU A 151 16.55 -10.18 -2.37
C LEU A 151 17.19 -8.88 -2.84
N ALA A 152 16.37 -7.93 -3.23
CA ALA A 152 16.83 -6.61 -3.63
C ALA A 152 16.67 -5.62 -2.47
N SER A 153 17.41 -4.51 -2.52
CA SER A 153 17.37 -3.56 -1.42
C SER A 153 16.10 -2.73 -1.36
N TRP A 154 15.32 -2.63 -2.45
CA TRP A 154 14.17 -1.73 -2.45
C TRP A 154 13.11 -2.13 -1.42
N ILE A 155 12.96 -3.43 -1.13
CA ILE A 155 11.85 -3.82 -0.27
C ILE A 155 12.11 -3.40 1.17
N GLN A 156 13.37 -3.45 1.62
CA GLN A 156 13.72 -2.85 2.91
C GLN A 156 13.47 -1.35 2.90
N ASN A 157 13.79 -0.68 1.79
CA ASN A 157 13.56 0.76 1.72
C ASN A 157 12.07 1.05 1.80
N GLU A 158 11.27 0.24 1.08
CA GLU A 158 9.81 0.35 1.17
C GLU A 158 9.36 0.22 2.60
N PHE A 159 9.91 -0.75 3.33
CA PHE A 159 9.50 -0.93 4.71
C PHE A 159 9.92 0.25 5.59
N ASN A 160 11.14 0.77 5.39
CA ASN A 160 11.54 1.96 6.14
C ASN A 160 10.60 3.13 5.86
N LYS A 161 10.26 3.35 4.59
CA LYS A 161 9.36 4.45 4.25
C LYS A 161 8.00 4.25 4.90
N ALA A 162 7.51 3.02 4.94
CA ALA A 162 6.22 2.77 5.57
C ALA A 162 6.23 3.09 7.06
N CYS A 163 7.38 3.08 7.73
CA CYS A 163 7.40 3.42 9.14
C CYS A 163 7.43 4.92 9.42
N GLU A 164 7.75 5.75 8.42
CA GLU A 164 7.92 7.17 8.65
C GLU A 164 6.58 7.85 8.95
N LEU A 165 6.69 9.09 9.40
CA LEU A 165 5.54 9.97 9.59
C LEU A 165 5.38 10.88 8.39
N THR A 166 4.15 11.00 7.89
CA THR A 166 3.81 12.03 6.93
C THR A 166 3.34 13.30 7.65
N ASP A 167 3.12 14.37 6.88
CA ASP A 167 2.67 15.63 7.45
C ASP A 167 1.15 15.76 7.46
N SER A 168 0.42 14.67 7.16
CA SER A 168 -1.03 14.66 7.16
C SER A 168 -1.53 13.47 7.98
N SER A 169 -2.68 13.63 8.60
CA SER A 169 -3.33 12.54 9.32
C SER A 169 -4.34 11.84 8.41
N TRP A 170 -4.41 10.52 8.54
CA TRP A 170 -5.17 9.66 7.64
C TRP A 170 -6.36 9.00 8.28
N ILE A 171 -6.48 9.05 9.61
CA ILE A 171 -7.61 8.47 10.32
C ILE A 171 -8.14 9.49 11.32
N GLU A 172 -9.43 9.33 11.64
CA GLU A 172 -10.06 10.13 12.67
C GLU A 172 -9.71 9.58 14.05
N LEU A 173 -9.95 10.40 15.08
CA LEU A 173 -9.50 10.05 16.42
C LEU A 173 -10.12 8.73 16.92
N ASP A 174 -11.40 8.50 16.64
CA ASP A 174 -12.09 7.27 17.09
C ASP A 174 -12.16 6.20 16.00
N GLU A 175 -11.20 6.19 15.08
CA GLU A 175 -11.21 5.23 13.98
C GLU A 175 -11.06 3.80 14.47
N ILE A 176 -10.14 3.56 15.41
CA ILE A 176 -9.74 2.20 15.74
C ILE A 176 -10.75 1.58 16.70
N GLY A 177 -11.26 0.42 16.31
CA GLY A 177 -12.17 -0.30 17.17
C GLY A 177 -13.57 -0.42 16.57
N GLU A 178 -14.29 -1.43 17.05
CA GLU A 178 -15.63 -1.74 16.58
C GLU A 178 -16.63 -1.83 17.72
N ASP A 179 -16.27 -1.41 18.92
CA ASP A 179 -17.04 -1.80 20.08
C ASP A 179 -18.46 -1.22 20.03
N ALA A 180 -19.42 -2.00 20.52
CA ALA A 180 -20.79 -1.54 20.59
C ALA A 180 -21.01 -0.62 21.77
N ALA A 181 -20.39 -0.95 22.90
CA ALA A 181 -20.48 -0.18 24.12
C ALA A 181 -19.40 0.89 24.17
N PRO A 182 -19.59 1.91 24.99
CA PRO A 182 -18.46 2.80 25.31
C PRO A 182 -17.32 2.01 25.92
N ILE A 183 -16.10 2.35 25.51
CA ILE A 183 -14.92 1.64 25.98
C ILE A 183 -14.53 2.14 27.38
N GLU A 184 -13.96 1.23 28.18
CA GLU A 184 -13.54 1.56 29.54
C GLU A 184 -12.38 2.57 29.51
N HIS A 185 -12.03 3.08 30.71
CA HIS A 185 -11.09 4.19 30.78
C HIS A 185 -9.68 3.80 30.34
N ILE A 186 -9.18 2.64 30.76
CA ILE A 186 -7.85 2.23 30.37
C ILE A 186 -7.77 2.02 28.86
N ALA A 187 -8.74 1.29 28.30
CA ALA A 187 -8.74 1.06 26.87
C ALA A 187 -8.73 2.37 26.10
N SER A 188 -9.51 3.35 26.57
CA SER A 188 -9.57 4.66 25.91
C SER A 188 -8.21 5.35 25.91
N MET A 189 -7.56 5.44 27.07
CA MET A 189 -6.23 6.02 27.17
C MET A 189 -5.25 5.35 26.21
N ARG A 190 -5.25 4.01 26.18
CA ARG A 190 -4.34 3.28 25.29
C ARG A 190 -4.61 3.60 23.83
N ARG A 191 -5.89 3.71 23.47
CA ARG A 191 -6.21 3.95 22.06
C ARG A 191 -5.77 5.34 21.64
N ASN A 192 -5.95 6.34 22.52
CA ASN A 192 -5.58 7.71 22.16
C ASN A 192 -4.06 7.85 22.03
N TYR A 193 -3.30 7.22 22.94
CA TYR A 193 -1.84 7.22 22.82
C TYR A 193 -1.39 6.59 21.50
N PHE A 194 -1.94 5.41 21.18
CA PHE A 194 -1.55 4.69 19.97
C PHE A 194 -1.93 5.47 18.71
N THR A 195 -3.17 5.96 18.67
CA THR A 195 -3.64 6.75 17.53
C THR A 195 -2.76 7.97 17.30
N ALA A 196 -2.39 8.68 18.38
CA ALA A 196 -1.49 9.82 18.23
C ALA A 196 -0.20 9.42 17.52
N GLU A 197 0.27 8.19 17.73
CA GLU A 197 1.54 7.75 17.17
C GLU A 197 1.44 7.28 15.71
N VAL A 198 0.28 6.77 15.28
CA VAL A 198 0.17 6.12 13.98
C VAL A 198 -0.75 6.85 13.02
N SER A 199 -1.50 7.85 13.47
CA SER A 199 -2.50 8.50 12.60
C SER A 199 -1.84 9.17 11.40
N HIS A 200 -0.63 9.69 11.54
CA HIS A 200 0.10 10.35 10.46
C HIS A 200 1.05 9.41 9.77
N CYS A 201 1.16 8.18 10.24
CA CYS A 201 2.11 7.21 9.70
C CYS A 201 1.81 6.89 8.23
N ARG A 202 2.86 6.69 7.46
CA ARG A 202 2.71 6.33 6.05
C ARG A 202 2.02 4.99 5.88
N ALA A 203 2.27 4.05 6.79
CA ALA A 203 1.57 2.78 6.75
C ALA A 203 0.06 3.00 6.79
N THR A 204 -0.41 4.01 7.54
CA THR A 204 -1.82 4.32 7.65
C THR A 204 -2.37 4.89 6.34
N GLU A 205 -1.58 5.69 5.64
CA GLU A 205 -2.00 6.13 4.32
C GLU A 205 -2.19 4.93 3.39
N TYR A 206 -1.32 3.92 3.50
CA TYR A 206 -1.47 2.73 2.65
C TYR A 206 -2.75 1.98 3.01
N ILE A 207 -3.06 1.90 4.30
CA ILE A 207 -4.33 1.31 4.74
C ILE A 207 -5.51 1.98 4.06
N MET A 208 -5.60 3.30 4.18
CA MET A 208 -6.77 4.02 3.70
C MET A 208 -6.81 4.04 2.18
N LYS A 209 -5.66 4.24 1.55
CA LYS A 209 -5.56 4.08 0.10
C LYS A 209 -6.08 2.71 -0.34
N GLY A 210 -5.60 1.66 0.33
CA GLY A 210 -6.03 0.32 -0.05
C GLY A 210 -7.50 0.08 0.23
N VAL A 211 -8.01 0.62 1.34
CA VAL A 211 -9.43 0.46 1.64
C VAL A 211 -10.28 1.16 0.58
N TYR A 212 -9.90 2.38 0.16
CA TYR A 212 -10.69 3.13 -0.83
C TYR A 212 -10.75 2.40 -2.16
N ILE A 213 -9.59 2.02 -2.72
CA ILE A 213 -9.58 1.46 -4.05
C ILE A 213 -10.24 0.09 -4.05
N ASN A 214 -10.04 -0.70 -2.99
CA ASN A 214 -10.68 -2.00 -2.96
C ASN A 214 -12.19 -1.90 -2.83
N THR A 215 -12.69 -0.88 -2.13
CA THR A 215 -14.13 -0.66 -2.06
C THR A 215 -14.67 -0.22 -3.40
N ALA A 216 -13.97 0.73 -4.03
CA ALA A 216 -14.40 1.22 -5.34
C ALA A 216 -14.43 0.10 -6.37
N LEU A 217 -13.39 -0.73 -6.39
CA LEU A 217 -13.34 -1.78 -7.38
C LEU A 217 -14.41 -2.84 -7.12
N LEU A 218 -14.59 -3.25 -5.87
CA LEU A 218 -15.59 -4.28 -5.57
C LEU A 218 -17.01 -3.77 -5.86
N ASN A 219 -17.27 -2.50 -5.57
CA ASN A 219 -18.57 -1.95 -5.91
C ASN A 219 -18.78 -1.91 -7.42
N ALA A 220 -17.77 -1.45 -8.17
CA ALA A 220 -17.89 -1.44 -9.62
C ALA A 220 -18.06 -2.86 -10.15
N SER A 221 -17.42 -3.82 -9.49
CA SER A 221 -17.42 -5.21 -9.93
C SER A 221 -18.81 -5.77 -10.03
N CYS A 222 -19.73 -5.24 -9.25
CA CYS A 222 -21.08 -5.72 -9.30
C CYS A 222 -22.07 -4.68 -9.76
N ALA A 223 -21.74 -3.39 -9.66
CA ALA A 223 -22.65 -2.37 -10.19
C ALA A 223 -22.43 -2.10 -11.69
N ALA A 224 -21.30 -2.50 -12.26
CA ALA A 224 -20.98 -2.25 -13.65
C ALA A 224 -20.29 -3.46 -14.27
N MET A 225 -20.95 -4.63 -14.19
CA MET A 225 -20.29 -5.88 -14.54
C MET A 225 -19.75 -5.89 -15.96
N ASP A 226 -20.50 -5.34 -16.92
CA ASP A 226 -20.10 -5.47 -18.30
C ASP A 226 -19.21 -4.33 -18.79
N ASP A 227 -18.88 -3.37 -17.94
CA ASP A 227 -18.27 -2.12 -18.37
C ASP A 227 -16.79 -2.08 -18.03
N PHE A 228 -16.00 -1.40 -18.90
CA PHE A 228 -14.62 -1.02 -18.58
C PHE A 228 -14.63 0.30 -17.82
N GLN A 229 -15.05 0.23 -16.57
CA GLN A 229 -15.20 1.45 -15.79
C GLN A 229 -13.84 2.06 -15.39
N LEU A 230 -13.75 3.37 -15.53
CA LEU A 230 -12.64 4.19 -15.05
C LEU A 230 -12.81 4.41 -13.56
N ILE A 231 -11.82 4.04 -12.76
CA ILE A 231 -11.98 4.10 -11.31
C ILE A 231 -10.82 4.89 -10.73
N PRO A 232 -11.05 6.14 -10.32
CA PRO A 232 -10.00 6.94 -9.66
C PRO A 232 -9.39 6.26 -8.44
N MET A 233 -8.08 6.44 -8.26
CA MET A 233 -7.41 6.04 -7.02
C MET A 233 -7.33 7.25 -6.12
N ILE A 234 -8.16 7.28 -5.07
CA ILE A 234 -8.36 8.44 -4.22
C ILE A 234 -7.93 8.11 -2.79
N SER A 235 -7.43 9.11 -2.08
CA SER A 235 -7.32 9.05 -0.63
C SER A 235 -7.69 10.41 -0.07
N LYS A 236 -7.90 10.43 1.24
CA LYS A 236 -8.31 11.65 1.94
C LYS A 236 -7.57 11.78 3.26
N CYS A 237 -7.11 12.99 3.54
CA CYS A 237 -6.31 13.27 4.72
C CYS A 237 -6.61 14.68 5.20
N ARG A 238 -6.15 14.99 6.41
CA ARG A 238 -6.27 16.32 7.00
C ARG A 238 -4.86 16.84 7.33
N THR A 239 -4.54 18.04 6.86
CA THR A 239 -3.22 18.62 7.04
C THR A 239 -2.97 18.97 8.50
N LYS A 240 -1.73 19.37 8.81
CA LYS A 240 -1.41 19.77 10.18
C LYS A 240 -2.18 21.00 10.62
N GLU A 241 -2.72 21.77 9.69
CA GLU A 241 -3.53 22.94 10.04
C GLU A 241 -5.03 22.65 10.05
N GLY A 242 -5.43 21.39 9.84
CA GLY A 242 -6.83 21.00 9.89
C GLY A 242 -7.54 20.97 8.55
N ARG A 243 -6.83 21.31 7.47
CA ARG A 243 -7.44 21.38 6.15
C ARG A 243 -7.70 19.99 5.59
N ARG A 244 -8.95 19.76 5.16
CA ARG A 244 -9.31 18.53 4.46
C ARG A 244 -8.69 18.53 3.07
N LYS A 245 -8.08 17.41 2.68
CA LYS A 245 -7.40 17.30 1.38
C LYS A 245 -7.83 16.02 0.68
N THR A 246 -8.00 16.09 -0.63
CA THR A 246 -8.41 14.97 -1.46
C THR A 246 -7.31 14.69 -2.47
N ASN A 247 -6.88 13.44 -2.57
CA ASN A 247 -5.67 13.08 -3.31
C ASN A 247 -5.98 12.08 -4.40
N LEU A 248 -5.36 12.29 -5.56
CA LEU A 248 -5.47 11.39 -6.70
C LEU A 248 -4.10 10.78 -6.98
N TYR A 249 -4.01 9.44 -6.84
CA TYR A 249 -2.80 8.69 -7.18
C TYR A 249 -2.75 8.25 -8.64
N GLY A 250 -3.87 8.23 -9.31
CA GLY A 250 -3.98 7.70 -10.66
C GLY A 250 -5.35 7.04 -10.88
N PHE A 251 -5.37 6.08 -11.80
CA PHE A 251 -6.61 5.47 -12.21
C PHE A 251 -6.44 3.98 -12.39
N ILE A 252 -7.53 3.24 -12.17
CA ILE A 252 -7.62 1.87 -12.66
CA ILE A 252 -7.67 1.85 -12.59
C ILE A 252 -8.82 1.75 -13.59
N ILE A 253 -8.71 0.85 -14.55
CA ILE A 253 -9.81 0.49 -15.44
C ILE A 253 -10.07 -0.99 -15.25
N LYS A 254 -11.29 -1.33 -14.82
CA LYS A 254 -11.62 -2.73 -14.61
C LYS A 254 -12.10 -3.39 -15.89
N GLY A 255 -11.89 -4.69 -15.97
CA GLY A 255 -12.45 -5.50 -17.04
C GLY A 255 -13.86 -5.96 -16.71
N ARG A 256 -14.38 -6.86 -17.56
CA ARG A 256 -15.65 -7.51 -17.23
C ARG A 256 -15.49 -8.27 -15.91
N SER A 257 -16.52 -8.18 -15.06
CA SER A 257 -16.47 -8.74 -13.73
C SER A 257 -17.80 -9.42 -13.41
N HIS A 258 -18.04 -10.58 -14.00
CA HIS A 258 -19.19 -11.43 -13.62
C HIS A 258 -18.75 -12.43 -12.55
N LEU A 259 -18.52 -11.90 -11.35
CA LEU A 259 -17.86 -12.63 -10.28
C LEU A 259 -18.86 -13.53 -9.57
N ARG A 260 -18.91 -14.80 -9.98
CA ARG A 260 -19.84 -15.74 -9.38
C ARG A 260 -19.40 -16.17 -7.97
N ASN A 261 -18.09 -16.29 -7.74
CA ASN A 261 -17.59 -16.77 -6.45
C ASN A 261 -16.52 -15.84 -5.91
N ASP A 262 -15.99 -16.22 -4.74
CA ASP A 262 -14.98 -15.43 -4.07
C ASP A 262 -13.65 -15.43 -4.82
N THR A 263 -13.34 -16.51 -5.54
CA THR A 263 -12.05 -16.65 -6.21
C THR A 263 -12.07 -16.23 -7.68
N ASP A 264 -13.24 -15.93 -8.24
CA ASP A 264 -13.29 -15.41 -9.61
C ASP A 264 -12.54 -14.10 -9.69
N VAL A 265 -11.83 -13.91 -10.80
CA VAL A 265 -10.89 -12.82 -10.98
C VAL A 265 -11.52 -11.72 -11.83
N VAL A 266 -11.33 -10.48 -11.43
CA VAL A 266 -11.55 -9.33 -12.29
C VAL A 266 -10.19 -8.72 -12.64
N ASN A 267 -9.87 -8.68 -13.93
CA ASN A 267 -8.65 -8.07 -14.42
C ASN A 267 -8.78 -6.54 -14.36
N PHE A 268 -7.64 -5.86 -14.25
CA PHE A 268 -7.67 -4.41 -14.33
C PHE A 268 -6.34 -3.85 -14.80
N VAL A 269 -6.37 -2.60 -15.26
CA VAL A 269 -5.17 -1.87 -15.66
C VAL A 269 -4.98 -0.71 -14.71
N SER A 270 -3.79 -0.59 -14.13
CA SER A 270 -3.49 0.49 -13.21
C SER A 270 -2.52 1.48 -13.85
N MET A 271 -2.75 2.76 -13.55
CA MET A 271 -1.98 3.87 -14.12
C MET A 271 -1.70 4.89 -13.02
N GLU A 272 -0.48 4.92 -12.52
CA GLU A 272 -0.16 5.61 -11.27
C GLU A 272 0.93 6.62 -11.50
N PHE A 273 0.69 7.85 -11.09
CA PHE A 273 1.69 8.90 -11.17
C PHE A 273 2.87 8.59 -10.26
N SER A 274 4.04 9.05 -10.68
CA SER A 274 5.21 8.88 -9.83
C SER A 274 6.27 9.86 -10.28
N LEU A 275 7.08 10.30 -9.34
CA LEU A 275 8.31 11.02 -9.65
C LEU A 275 9.52 10.11 -9.72
N THR A 276 9.35 8.81 -9.49
CA THR A 276 10.46 7.87 -9.53
C THR A 276 10.81 7.51 -10.97
N ASP A 277 12.03 7.83 -11.36
CA ASP A 277 12.60 7.43 -12.64
C ASP A 277 12.82 5.93 -12.65
N PRO A 278 12.09 5.15 -13.44
CA PRO A 278 12.23 3.69 -13.36
C PRO A 278 13.55 3.17 -13.88
N ARG A 279 14.40 4.04 -14.45
CA ARG A 279 15.67 3.59 -15.00
C ARG A 279 16.79 3.48 -13.96
N LEU A 280 16.50 3.79 -12.69
CA LEU A 280 17.46 3.64 -11.59
C LEU A 280 17.45 2.25 -10.98
N GLU A 281 16.26 1.67 -10.80
CA GLU A 281 16.08 0.29 -10.36
C GLU A 281 15.16 -0.43 -11.33
N PRO A 282 15.61 -0.68 -12.55
CA PRO A 282 14.69 -1.29 -13.54
C PRO A 282 14.18 -2.65 -13.12
N HIS A 283 14.94 -3.42 -12.33
CA HIS A 283 14.48 -4.74 -11.91
C HIS A 283 13.22 -4.64 -11.06
N LYS A 284 13.03 -3.53 -10.33
CA LYS A 284 11.85 -3.37 -9.50
C LYS A 284 10.58 -3.36 -10.34
N TRP A 285 10.68 -2.94 -11.59
CA TRP A 285 9.53 -2.63 -12.43
C TRP A 285 9.35 -3.62 -13.57
N GLU A 286 9.82 -4.86 -13.38
CA GLU A 286 9.69 -5.91 -14.39
C GLU A 286 8.25 -6.06 -14.89
N LYS A 287 7.27 -5.83 -14.03
CA LYS A 287 5.88 -6.06 -14.39
C LYS A 287 5.19 -4.83 -15.01
N TYR A 288 5.93 -3.75 -15.28
CA TYR A 288 5.36 -2.46 -15.65
C TYR A 288 5.86 -1.97 -17.00
N CYS A 289 5.01 -1.25 -17.70
CA CYS A 289 5.43 -0.30 -18.73
C CYS A 289 5.33 1.09 -18.12
N VAL A 290 6.38 1.88 -18.25
CA VAL A 290 6.45 3.18 -17.59
C VAL A 290 6.48 4.28 -18.64
N LEU A 291 5.61 5.27 -18.47
CA LEU A 291 5.51 6.40 -19.38
C LEU A 291 6.04 7.64 -18.70
N GLU A 292 6.59 8.55 -19.50
CA GLU A 292 6.84 9.92 -19.07
C GLU A 292 5.70 10.76 -19.63
N VAL A 293 4.95 11.41 -18.75
CA VAL A 293 3.66 11.99 -19.10
C VAL A 293 3.55 13.47 -18.77
N GLY A 294 4.53 14.06 -18.10
CA GLY A 294 4.52 15.49 -17.86
C GLY A 294 5.77 15.90 -17.11
N ASP A 295 5.82 17.19 -16.77
CA ASP A 295 6.89 17.76 -15.97
C ASP A 295 6.28 18.59 -14.85
N MET A 296 6.86 18.50 -13.65
CA MET A 296 6.27 19.10 -12.46
C MET A 296 7.25 20.06 -11.79
N LEU A 297 6.76 21.23 -11.39
CA LEU A 297 7.53 22.21 -10.65
C LEU A 297 7.44 21.90 -9.16
N LEU A 298 8.58 21.88 -8.48
CA LEU A 298 8.63 21.45 -7.08
C LEU A 298 9.46 22.39 -6.23
N ARG A 299 9.03 22.55 -4.97
CA ARG A 299 9.91 23.10 -3.95
C ARG A 299 10.90 22.02 -3.51
N SER A 300 12.14 22.41 -3.31
CA SER A 300 13.16 21.47 -2.87
C SER A 300 14.19 22.22 -2.04
N ALA A 301 15.21 21.47 -1.60
CA ALA A 301 16.29 22.07 -0.83
C ALA A 301 17.10 23.09 -1.67
N ILE A 302 17.15 22.91 -3.00
CA ILE A 302 17.83 23.84 -3.87
C ILE A 302 16.86 24.87 -4.47
N GLY A 303 15.65 24.95 -3.95
CA GLY A 303 14.69 25.90 -4.47
C GLY A 303 13.80 25.26 -5.52
N HIS A 304 13.22 26.06 -6.41
CA HIS A 304 12.30 25.53 -7.41
C HIS A 304 13.03 24.68 -8.44
N VAL A 305 12.48 23.50 -8.73
CA VAL A 305 13.07 22.57 -9.71
C VAL A 305 11.95 21.94 -10.53
N SER A 306 12.27 21.65 -11.79
CA SER A 306 11.35 20.97 -12.70
C SER A 306 11.75 19.49 -12.76
N ARG A 307 10.83 18.61 -12.40
CA ARG A 307 11.12 17.18 -12.43
C ARG A 307 10.13 16.46 -13.33
N PRO A 308 10.58 15.46 -14.09
CA PRO A 308 9.65 14.70 -14.92
C PRO A 308 8.64 13.93 -14.07
N MET A 309 7.43 13.80 -14.61
CA MET A 309 6.38 13.01 -13.99
C MET A 309 6.16 11.75 -14.81
N PHE A 310 6.11 10.60 -14.14
CA PHE A 310 6.00 9.31 -14.79
C PHE A 310 4.64 8.70 -14.49
N LEU A 311 4.33 7.66 -15.23
CA LEU A 311 3.08 6.94 -15.07
C LEU A 311 3.44 5.46 -15.11
N TYR A 312 3.24 4.77 -14.00
CA TYR A 312 3.52 3.35 -13.92
C TYR A 312 2.26 2.60 -14.32
N VAL A 313 2.37 1.76 -15.34
CA VAL A 313 1.23 1.08 -15.92
C VAL A 313 1.51 -0.40 -15.89
N ARG A 314 0.56 -1.16 -15.35
CA ARG A 314 0.64 -2.62 -15.42
C ARG A 314 -0.77 -3.18 -15.45
N THR A 315 -0.87 -4.40 -15.93
CA THR A 315 -2.12 -5.12 -15.82
C THR A 315 -2.05 -6.03 -14.59
N ASN A 316 -3.22 -6.37 -14.06
CA ASN A 316 -3.27 -6.98 -12.76
C ASN A 316 -4.68 -7.55 -12.57
N GLY A 317 -4.86 -8.27 -11.48
CA GLY A 317 -6.14 -8.88 -11.21
C GLY A 317 -6.32 -9.06 -9.73
N THR A 318 -7.57 -9.22 -9.33
CA THR A 318 -7.92 -9.46 -7.94
C THR A 318 -9.22 -10.26 -7.93
N SER A 319 -9.56 -10.80 -6.77
CA SER A 319 -10.79 -11.56 -6.62
C SER A 319 -11.67 -10.90 -5.57
N LYS A 320 -12.93 -11.35 -5.55
CA LYS A 320 -13.88 -10.93 -4.54
C LYS A 320 -13.29 -11.06 -3.14
N ILE A 321 -12.70 -12.22 -2.84
CA ILE A 321 -12.18 -12.44 -1.49
C ILE A 321 -11.00 -11.51 -1.21
N LYS A 322 -10.14 -11.28 -2.19
CA LYS A 322 -9.04 -10.35 -1.94
C LYS A 322 -9.53 -8.92 -1.77
N MET A 323 -10.63 -8.54 -2.44
CA MET A 323 -11.13 -7.18 -2.29
C MET A 323 -11.86 -7.01 -0.97
N LYS A 324 -12.54 -8.06 -0.49
CA LYS A 324 -13.08 -8.04 0.86
C LYS A 324 -11.98 -7.86 1.89
N TRP A 325 -10.86 -8.59 1.72
CA TRP A 325 -9.74 -8.42 2.63
C TRP A 325 -9.17 -7.02 2.53
N GLY A 326 -9.09 -6.48 1.32
CA GLY A 326 -8.58 -5.12 1.17
C GLY A 326 -9.48 -4.08 1.80
N MET A 327 -10.80 -4.33 1.85
CA MET A 327 -11.69 -3.40 2.53
C MET A 327 -11.54 -3.47 4.03
N GLU A 328 -10.93 -4.53 4.57
CA GLU A 328 -10.77 -4.73 6.00
C GLU A 328 -9.40 -4.31 6.52
N MET A 329 -8.61 -3.56 5.73
CA MET A 329 -7.25 -3.20 6.12
C MET A 329 -7.19 -2.36 7.37
N ARG A 330 -8.29 -1.73 7.79
CA ARG A 330 -8.23 -0.97 9.04
C ARG A 330 -8.04 -1.88 10.24
N ARG A 331 -8.24 -3.19 10.09
CA ARG A 331 -7.94 -4.11 11.17
C ARG A 331 -6.45 -4.22 11.44
N CYS A 332 -5.60 -3.80 10.49
CA CYS A 332 -4.17 -3.69 10.78
C CYS A 332 -3.94 -2.74 11.96
N LEU A 333 -4.68 -1.63 12.00
CA LEU A 333 -4.57 -0.72 13.13
C LEU A 333 -4.96 -1.40 14.43
N LEU A 334 -6.01 -2.22 14.41
CA LEU A 334 -6.48 -2.88 15.62
C LEU A 334 -5.53 -3.99 16.05
N GLN A 335 -5.02 -4.77 15.09
CA GLN A 335 -4.08 -5.84 15.39
C GLN A 335 -2.76 -5.31 15.96
N SER A 336 -2.29 -4.16 15.47
CA SER A 336 -1.07 -3.53 15.99
C SER A 336 -1.28 -2.99 17.39
N LEU A 337 -2.39 -2.27 17.60
CA LEU A 337 -2.72 -1.80 18.95
C LEU A 337 -2.74 -2.96 19.94
N GLN A 338 -3.28 -4.10 19.53
CA GLN A 338 -3.43 -5.22 20.45
C GLN A 338 -2.08 -5.85 20.79
N GLN A 339 -1.11 -5.76 19.89
CA GLN A 339 0.24 -6.19 20.23
C GLN A 339 0.86 -5.25 21.27
N ILE A 340 0.60 -3.95 21.14
CA ILE A 340 1.06 -2.99 22.15
C ILE A 340 0.37 -3.25 23.47
N GLU A 341 -0.97 -3.39 23.45
CA GLU A 341 -1.71 -3.68 24.67
C GLU A 341 -1.23 -4.96 25.35
N SER A 342 -0.69 -5.91 24.58
CA SER A 342 -0.14 -7.12 25.20
C SER A 342 1.10 -6.79 26.01
N MET A 343 1.95 -5.91 25.49
CA MET A 343 3.17 -5.54 26.19
C MET A 343 2.86 -4.72 27.44
N ILE A 344 1.85 -3.85 27.35
CA ILE A 344 1.47 -3.06 28.52
C ILE A 344 0.83 -3.96 29.57
N GLU A 345 0.07 -4.97 29.15
CA GLU A 345 -0.52 -5.91 30.12
C GLU A 345 0.56 -6.70 30.84
N ALA A 346 1.60 -7.10 30.13
CA ALA A 346 2.71 -7.82 30.76
C ALA A 346 3.35 -6.97 31.86
N GLU A 347 3.87 -5.81 31.48
CA GLU A 347 4.47 -4.91 32.47
C GLU A 347 3.50 -4.56 33.59
N SER A 348 2.21 -4.44 33.28
CA SER A 348 1.23 -4.04 34.28
C SER A 348 1.01 -5.12 35.33
N SER A 349 0.89 -6.38 34.91
CA SER A 349 0.75 -7.45 35.89
C SER A 349 2.04 -7.73 36.64
N VAL A 350 3.17 -7.23 36.14
CA VAL A 350 4.42 -7.31 36.91
C VAL A 350 4.46 -6.25 38.01
N LYS A 351 3.94 -5.06 37.77
CA LYS A 351 3.99 -3.97 38.75
C LYS A 351 2.72 -3.86 39.58
N GLU A 352 1.80 -4.84 39.48
CA GLU A 352 0.52 -4.81 40.22
C GLU A 352 -0.16 -3.45 40.07
N LYS A 353 0.00 -2.85 38.89
CA LYS A 353 -0.32 -1.45 38.63
C LYS A 353 -0.46 -1.31 37.12
N ASP A 354 -1.34 -0.40 36.70
CA ASP A 354 -1.46 -0.12 35.27
C ASP A 354 -0.25 0.67 34.80
N MET A 355 0.41 0.16 33.77
CA MET A 355 1.63 0.75 33.22
C MET A 355 1.39 1.48 31.89
N THR A 356 0.17 1.95 31.63
CA THR A 356 -0.11 2.56 30.33
C THR A 356 0.64 3.89 30.16
N LYS A 357 0.40 4.85 31.07
CA LYS A 357 1.13 6.11 31.02
C LYS A 357 2.63 5.87 31.00
N GLU A 358 3.11 4.95 31.83
CA GLU A 358 4.54 4.72 31.94
C GLU A 358 5.12 4.12 30.66
N PHE A 359 4.34 3.29 29.95
CA PHE A 359 4.82 2.71 28.71
C PHE A 359 4.88 3.75 27.59
N PHE A 360 3.79 4.50 27.40
CA PHE A 360 3.77 5.42 26.27
C PHE A 360 4.57 6.68 26.52
N GLU A 361 4.90 7.00 27.76
CA GLU A 361 5.72 8.17 28.04
C GLU A 361 7.17 7.81 28.35
N ASN A 362 7.52 6.53 28.28
CA ASN A 362 8.90 6.07 28.42
C ASN A 362 9.48 6.51 29.76
N LYS A 363 9.14 5.78 30.84
CA LYS A 363 9.62 6.11 32.18
C LYS A 363 10.77 5.21 32.60
N SER A 372 13.80 -3.06 35.24
CA SER A 372 12.88 -2.22 34.49
C SER A 372 13.57 -1.50 33.32
N PRO A 373 12.85 -1.29 32.22
CA PRO A 373 13.50 -0.83 30.99
C PRO A 373 14.08 0.57 31.12
N LYS A 374 15.26 0.75 30.55
CA LYS A 374 15.97 2.04 30.56
C LYS A 374 16.14 2.58 29.14
N GLY A 375 15.19 2.29 28.26
CA GLY A 375 15.27 2.77 26.90
C GLY A 375 14.32 2.01 25.97
N VAL A 376 14.43 2.32 24.68
CA VAL A 376 13.61 1.70 23.64
C VAL A 376 14.50 1.38 22.44
N GLU A 377 14.57 0.09 22.08
CA GLU A 377 15.52 -0.38 21.07
C GLU A 377 15.33 0.35 19.74
N GLU A 378 14.09 0.42 19.25
CA GLU A 378 13.82 1.13 18.01
C GLU A 378 14.09 2.62 18.12
N GLY A 379 14.23 3.16 19.33
CA GLY A 379 14.51 4.57 19.50
C GLY A 379 13.44 5.36 20.23
N SER A 380 12.16 5.01 20.03
CA SER A 380 11.07 5.68 20.74
C SER A 380 9.87 4.73 20.74
N ILE A 381 8.92 5.02 21.62
CA ILE A 381 7.67 4.24 21.63
C ILE A 381 6.94 4.46 20.32
N GLY A 382 7.01 5.66 19.77
CA GLY A 382 6.35 5.91 18.50
C GLY A 382 6.86 5.01 17.40
N LYS A 383 8.17 4.80 17.34
CA LYS A 383 8.69 3.95 16.28
C LYS A 383 8.26 2.49 16.47
N VAL A 384 8.12 2.04 17.71
CA VAL A 384 7.67 0.67 17.95
C VAL A 384 6.25 0.51 17.44
N CYS A 385 5.38 1.48 17.74
CA CYS A 385 4.01 1.46 17.23
C CYS A 385 3.98 1.43 15.71
N ARG A 386 4.77 2.28 15.07
CA ARG A 386 4.71 2.36 13.63
C ARG A 386 5.38 1.18 12.96
N THR A 387 6.36 0.55 13.63
CA THR A 387 6.99 -0.64 13.08
C THR A 387 6.04 -1.84 13.13
N LEU A 388 5.33 -2.00 14.25
CA LEU A 388 4.31 -3.04 14.31
C LEU A 388 3.21 -2.79 13.28
N LEU A 389 2.80 -1.53 13.13
CA LEU A 389 1.80 -1.22 12.13
C LEU A 389 2.30 -1.59 10.73
N ALA A 390 3.50 -1.13 10.38
CA ALA A 390 4.06 -1.39 9.06
C ALA A 390 4.15 -2.89 8.78
N LYS A 391 4.54 -3.69 9.78
CA LYS A 391 4.58 -5.13 9.58
C LYS A 391 3.21 -5.67 9.23
N SER A 392 2.18 -5.20 9.94
CA SER A 392 0.84 -5.68 9.72
C SER A 392 0.33 -5.25 8.33
N VAL A 393 0.62 -4.02 7.93
CA VAL A 393 0.16 -3.55 6.64
C VAL A 393 0.87 -4.32 5.51
N PHE A 394 2.19 -4.50 5.62
CA PHE A 394 2.90 -5.21 4.56
C PHE A 394 2.51 -6.69 4.49
N ASN A 395 2.18 -7.30 5.64
CA ASN A 395 1.64 -8.66 5.61
C ASN A 395 0.35 -8.71 4.83
N SER A 396 -0.43 -7.63 4.89
CA SER A 396 -1.66 -7.52 4.12
C SER A 396 -1.37 -7.19 2.65
N LEU A 397 -0.55 -6.16 2.40
CA LEU A 397 -0.27 -5.77 1.02
C LEU A 397 0.48 -6.85 0.25
N TYR A 398 1.24 -7.69 0.94
CA TYR A 398 2.07 -8.71 0.30
C TYR A 398 1.67 -10.10 0.77
N ALA A 399 0.37 -10.30 0.99
CA ALA A 399 -0.13 -11.62 1.37
C ALA A 399 0.18 -12.64 0.28
N SER A 400 0.53 -13.86 0.70
CA SER A 400 0.98 -14.90 -0.21
C SER A 400 1.12 -16.22 0.54
N PRO A 401 0.83 -17.34 -0.10
CA PRO A 401 1.13 -18.64 0.53
C PRO A 401 2.57 -18.74 1.02
N GLN A 402 3.54 -18.22 0.24
CA GLN A 402 4.91 -18.15 0.70
C GLN A 402 4.99 -17.47 2.07
N LEU A 403 4.25 -16.38 2.26
CA LEU A 403 4.29 -15.69 3.55
C LEU A 403 3.68 -16.54 4.65
N GLU A 404 2.63 -17.29 4.33
CA GLU A 404 1.95 -18.10 5.35
C GLU A 404 2.85 -19.24 5.82
N GLY A 405 3.56 -19.88 4.90
CA GLY A 405 4.42 -20.97 5.28
C GLY A 405 5.56 -20.46 6.14
N PHE A 406 6.29 -19.47 5.62
CA PHE A 406 7.42 -18.91 6.35
C PHE A 406 7.01 -18.43 7.74
N SER A 407 5.82 -17.83 7.87
CA SER A 407 5.41 -17.32 9.16
C SER A 407 5.23 -18.44 10.17
N ALA A 408 4.52 -19.50 9.80
CA ALA A 408 4.32 -20.61 10.73
C ALA A 408 5.63 -21.36 10.96
N GLU A 409 6.36 -21.66 9.89
CA GLU A 409 7.51 -22.55 9.98
C GLU A 409 8.69 -21.87 10.65
N SER A 410 8.85 -20.57 10.47
CA SER A 410 9.97 -19.90 11.11
C SER A 410 9.69 -19.62 12.58
N ARG A 411 8.41 -19.52 12.98
CA ARG A 411 8.10 -19.45 14.41
C ARG A 411 8.55 -20.72 15.11
N LYS A 412 8.36 -21.89 14.48
CA LYS A 412 8.78 -23.15 15.09
C LYS A 412 10.29 -23.21 15.25
N LEU A 413 11.03 -22.85 14.19
CA LEU A 413 12.48 -22.81 14.31
C LEU A 413 12.94 -21.80 15.37
N LEU A 414 12.17 -20.73 15.57
CA LEU A 414 12.57 -19.73 16.56
C LEU A 414 12.50 -20.27 17.97
N LEU A 415 11.34 -20.80 18.37
CA LEU A 415 11.18 -21.32 19.72
C LEU A 415 12.23 -22.38 20.04
N ILE A 416 12.57 -23.20 19.04
CA ILE A 416 13.60 -24.22 19.22
C ILE A 416 14.96 -23.58 19.42
N VAL A 417 15.24 -22.51 18.69
CA VAL A 417 16.52 -21.82 18.85
C VAL A 417 16.57 -21.09 20.19
N GLN A 418 15.45 -20.47 20.59
CA GLN A 418 15.40 -19.78 21.88
C GLN A 418 15.55 -20.75 23.04
N ALA A 419 15.01 -21.96 22.92
CA ALA A 419 15.18 -22.93 23.99
C ALA A 419 16.60 -23.47 24.04
N LEU A 420 17.33 -23.45 22.92
CA LEU A 420 18.72 -23.87 22.95
C LEU A 420 19.65 -22.75 23.41
N ARG A 421 19.29 -21.49 23.13
CA ARG A 421 20.14 -20.37 23.54
C ARG A 421 20.06 -20.15 25.04
N ASP A 422 18.87 -20.32 25.62
CA ASP A 422 18.71 -20.11 27.06
C ASP A 422 19.34 -21.24 27.87
N ASN A 423 19.38 -22.46 27.33
CA ASN A 423 19.78 -23.64 28.10
C ASN A 423 21.06 -24.29 27.58
N LEU A 424 21.97 -23.52 26.97
CA LEU A 424 23.29 -24.02 26.58
C LEU A 424 24.38 -22.95 26.75
N LEU A 431 16.13 -31.48 12.59
CA LEU A 431 16.01 -30.07 12.25
C LEU A 431 16.19 -29.82 10.75
N GLY A 432 16.83 -30.75 10.06
CA GLY A 432 17.06 -30.63 8.64
C GLY A 432 15.80 -30.67 7.79
N GLY A 433 14.70 -31.19 8.35
CA GLY A 433 13.43 -31.24 7.65
C GLY A 433 12.60 -29.97 7.84
N LEU A 434 12.78 -29.31 8.99
CA LEU A 434 12.09 -28.04 9.22
C LEU A 434 12.70 -26.93 8.37
N TYR A 435 14.04 -26.83 8.39
CA TYR A 435 14.79 -25.91 7.54
C TYR A 435 14.36 -26.00 6.07
N GLU A 436 14.01 -27.21 5.63
CA GLU A 436 13.54 -27.39 4.26
C GLU A 436 12.13 -26.85 4.07
N ALA A 437 11.25 -27.05 5.06
CA ALA A 437 9.89 -26.55 4.95
C ALA A 437 9.87 -25.02 4.89
N ILE A 438 10.83 -24.36 5.54
CA ILE A 438 10.92 -22.91 5.51
C ILE A 438 11.49 -22.43 4.18
N GLU A 439 12.61 -23.00 3.75
CA GLU A 439 13.27 -22.58 2.51
C GLU A 439 12.47 -22.95 1.26
N GLU A 440 11.49 -23.85 1.37
CA GLU A 440 10.54 -24.10 0.29
C GLU A 440 9.58 -22.93 0.09
N CYS A 441 9.63 -21.92 0.94
CA CYS A 441 8.86 -20.70 0.78
C CYS A 441 9.72 -19.51 0.37
N LEU A 442 11.03 -19.70 0.22
CA LEU A 442 11.94 -18.61 -0.15
C LEU A 442 12.28 -18.75 -1.64
N ILE A 443 11.36 -18.27 -2.48
CA ILE A 443 11.42 -18.46 -3.93
C ILE A 443 11.62 -17.12 -4.66
N ASN A 444 10.65 -16.22 -4.55
CA ASN A 444 10.78 -14.97 -5.29
C ASN A 444 10.04 -13.80 -4.65
N ASP A 445 9.40 -13.98 -3.51
CA ASP A 445 8.54 -12.94 -2.96
C ASP A 445 9.38 -11.94 -2.17
N PRO A 446 9.34 -10.66 -2.52
CA PRO A 446 10.21 -9.70 -1.80
C PRO A 446 9.92 -9.60 -0.32
N TRP A 447 8.66 -9.60 0.08
CA TRP A 447 8.34 -9.48 1.50
C TRP A 447 8.84 -10.69 2.28
N VAL A 448 8.62 -11.89 1.74
CA VAL A 448 9.12 -13.10 2.40
C VAL A 448 10.64 -13.09 2.45
N LEU A 449 11.29 -12.78 1.32
CA LEU A 449 12.75 -12.77 1.31
C LEU A 449 13.31 -11.78 2.32
N LEU A 450 12.69 -10.61 2.43
CA LEU A 450 13.14 -9.62 3.40
C LEU A 450 12.95 -10.12 4.83
N ASN A 451 11.83 -10.78 5.11
CA ASN A 451 11.61 -11.32 6.46
C ASN A 451 12.61 -12.42 6.78
N ALA A 452 13.06 -13.16 5.77
CA ALA A 452 14.12 -14.15 5.99
C ALA A 452 15.46 -13.48 6.26
N SER A 453 15.78 -12.42 5.52
CA SER A 453 16.98 -11.64 5.82
C SER A 453 16.99 -11.19 7.28
N TRP A 454 15.84 -10.73 7.77
CA TRP A 454 15.72 -10.31 9.17
C TRP A 454 15.91 -11.48 10.13
N PHE A 455 15.37 -12.64 9.76
CA PHE A 455 15.51 -13.84 10.58
C PHE A 455 16.98 -14.22 10.76
N ASN A 456 17.77 -14.15 9.67
CA ASN A 456 19.20 -14.44 9.78
C ASN A 456 19.89 -13.50 10.76
N SER A 457 19.50 -12.22 10.78
CA SER A 457 20.04 -11.29 11.78
C SER A 457 19.65 -11.71 13.19
N PHE A 458 18.42 -12.17 13.39
CA PHE A 458 18.06 -12.65 14.73
C PHE A 458 18.76 -13.96 15.05
N LEU A 459 19.38 -14.61 14.07
CA LEU A 459 20.19 -15.80 14.30
C LEU A 459 21.62 -15.45 14.68
N THR A 460 22.24 -14.51 13.95
CA THR A 460 23.58 -14.04 14.28
C THR A 460 23.62 -13.33 15.63
N HIS A 461 22.47 -12.90 16.16
CA HIS A 461 22.39 -12.44 17.53
C HIS A 461 21.41 -13.30 18.35
C10 6AQ B . -3.30 16.46 -22.03
F01 6AQ B . -8.63 16.53 -16.62
C02 6AQ B . -7.73 16.50 -17.66
C03 6AQ B . -8.04 15.75 -18.79
C04 6AQ B . -7.15 15.72 -19.85
C05 6AQ B . -5.96 16.43 -19.78
C06 6AQ B . -5.66 17.17 -18.65
C07 6AQ B . -6.55 17.21 -17.58
N08 6AQ B . -5.11 16.39 -20.81
C09 6AQ B . -3.81 16.62 -20.75
N11 6AQ B . -4.32 16.14 -22.80
C12 6AQ B . -5.42 16.10 -22.06
S DMS C . -6.56 -3.41 -5.62
O DMS C . -6.69 -4.80 -6.17
C1 DMS C . -5.67 -2.32 -6.78
C2 DMS C . -8.19 -2.64 -5.67
#